data_3HFT
#
_entry.id   3HFT
#
_cell.length_a   74.724
_cell.length_b   74.724
_cell.length_c   142.692
_cell.angle_alpha   90.000
_cell.angle_beta   90.000
_cell.angle_gamma   90.000
#
_symmetry.space_group_name_H-M   'P 41 21 2'
#
loop_
_entity.id
_entity.type
_entity.pdbx_description
1 polymer 'WbmS, polysaccharide deacetylase involved in O-antigen biosynthesis'
2 non-polymer 'ZINC ION'
3 non-polymer 'UNKNOWN LIGAND'
4 non-polymer 1,2-ETHANEDIOL
5 non-polymer (4S)-2-METHYL-2,4-PENTANEDIOL
6 water water
#
_entity_poly.entity_id   1
_entity_poly.type   'polypeptide(L)'
_entity_poly.pdbx_seq_one_letter_code
;G(MSE)AGAAHRL(MSE)EAR(MSE)RRYDNKFARISDIDINQPESWRGRIFLTFDIDWAADFVLQDTIDLIEGAGVCAT
WFATHSTPLLENIRRNPLFELGVHPNFNPLLAGAHAEGVQEILDRTLELAPGCVSVRSHSLVQATSILN(MSE)FGERRL
RYDCNILVPWDAGIVLQPWRHWTGD(MSE)VRVPYLWEDDVACLYDWEFDSTFDYWYQPDGINVLDFHPIHVY(MSE)NT
ESLRRYEDSREVHRNPVDLIRWRNTSAGSRTFLQSLLARNI
;
_entity_poly.pdbx_strand_id   A
#
# COMPACT_ATOMS: atom_id res chain seq x y z
N ARG A 16 -12.75 16.03 -10.99
CA ARG A 16 -14.09 16.00 -10.34
C ARG A 16 -14.00 15.49 -8.88
N TYR A 17 -14.63 16.26 -7.97
CA TYR A 17 -14.74 15.88 -6.56
C TYR A 17 -15.21 14.42 -6.44
N ASP A 18 -16.11 14.05 -7.35
CA ASP A 18 -16.68 12.70 -7.41
C ASP A 18 -15.62 11.63 -7.79
N ASN A 19 -14.52 12.06 -8.45
CA ASN A 19 -13.31 11.23 -8.70
C ASN A 19 -12.51 11.25 -7.44
N LYS A 20 -13.02 10.58 -6.42
CA LYS A 20 -12.39 10.63 -5.13
C LYS A 20 -11.07 9.86 -5.07
N PHE A 21 -10.98 8.79 -5.85
CA PHE A 21 -9.86 7.87 -5.79
C PHE A 21 -8.81 8.25 -6.83
N ALA A 22 -7.56 8.25 -6.40
CA ALA A 22 -6.47 8.64 -7.27
C ALA A 22 -5.25 7.74 -7.10
N ARG A 23 -4.31 7.89 -8.02
CA ARG A 23 -3.01 7.24 -7.96
C ARG A 23 -2.00 8.14 -7.26
N ILE A 24 -1.00 7.56 -6.62
CA ILE A 24 0.02 8.40 -5.96
C ILE A 24 0.64 9.39 -6.96
N SER A 25 0.93 8.97 -8.20
CA SER A 25 1.54 9.90 -9.17
C SER A 25 0.62 11.00 -9.65
N ASP A 26 -0.64 11.00 -9.20
CA ASP A 26 -1.56 12.10 -9.54
C ASP A 26 -1.32 13.31 -8.62
N ILE A 27 -0.55 13.14 -7.54
CA ILE A 27 -0.27 14.23 -6.59
C ILE A 27 0.61 15.27 -7.29
N ASP A 28 0.13 16.50 -7.30
CA ASP A 28 0.87 17.62 -7.85
C ASP A 28 1.04 18.55 -6.67
N ILE A 29 2.27 18.60 -6.18
CA ILE A 29 2.59 19.35 -4.97
C ILE A 29 2.22 20.82 -5.13
N ASN A 30 2.14 21.32 -6.36
CA ASN A 30 1.77 22.72 -6.60
C ASN A 30 0.28 22.98 -6.69
N GLN A 31 -0.53 21.94 -6.58
CA GLN A 31 -1.98 22.05 -6.77
C GLN A 31 -2.69 21.19 -5.74
N PRO A 32 -3.05 21.77 -4.60
CA PRO A 32 -3.70 20.99 -3.54
C PRO A 32 -4.96 20.27 -3.98
N GLU A 33 -5.62 20.77 -5.03
CA GLU A 33 -6.83 20.12 -5.53
C GLU A 33 -6.51 18.69 -5.95
N SER A 34 -5.25 18.41 -6.24
CA SER A 34 -4.86 17.08 -6.68
C SER A 34 -4.87 16.04 -5.57
N TRP A 35 -4.95 16.46 -4.32
CA TRP A 35 -4.92 15.53 -3.18
C TRP A 35 -5.90 15.79 -2.06
N ARG A 36 -6.31 17.03 -1.88
CA ARG A 36 -7.11 17.40 -0.72
C ARG A 36 -8.43 16.72 -0.72
N GLY A 37 -8.69 15.96 0.34
CA GLY A 37 -9.94 15.20 0.44
C GLY A 37 -10.03 13.95 -0.42
N ARG A 38 -8.97 13.60 -1.13
CA ARG A 38 -8.99 12.47 -2.01
C ARG A 38 -8.45 11.27 -1.29
N ILE A 39 -8.77 10.11 -1.86
CA ILE A 39 -8.39 8.81 -1.30
C ILE A 39 -7.41 8.14 -2.25
N PHE A 40 -6.30 7.69 -1.69
CA PHE A 40 -5.27 6.96 -2.43
C PHE A 40 -5.13 5.54 -1.86
N LEU A 41 -5.75 4.57 -2.54
CA LEU A 41 -5.64 3.18 -2.11
C LEU A 41 -4.30 2.66 -2.60
N THR A 42 -3.53 2.11 -1.68
CA THR A 42 -2.22 1.57 -1.99
C THR A 42 -2.14 0.13 -1.48
N PHE A 43 -1.42 -0.69 -2.24
CA PHE A 43 -1.28 -2.11 -1.95
C PHE A 43 0.16 -2.52 -1.93
N ASP A 44 0.63 -2.95 -0.76
CA ASP A 44 1.95 -3.51 -0.57
C ASP A 44 1.78 -5.04 -0.82
N ILE A 45 2.31 -5.48 -1.93
CA ILE A 45 2.05 -6.86 -2.41
C ILE A 45 2.61 -7.91 -1.43
N ASP A 46 3.75 -7.63 -0.82
CA ASP A 46 4.38 -8.50 0.19
C ASP A 46 4.43 -9.97 -0.19
N TRP A 47 4.92 -10.26 -1.38
CA TRP A 47 5.16 -11.63 -1.82
C TRP A 47 3.94 -12.53 -1.84
N ALA A 48 2.75 -11.95 -1.96
CA ALA A 48 1.53 -12.77 -2.07
C ALA A 48 1.56 -13.74 -3.25
N ALA A 49 1.03 -14.93 -3.04
CA ALA A 49 0.86 -15.87 -4.10
C ALA A 49 -0.03 -15.21 -5.17
N ASP A 50 0.10 -15.65 -6.41
CA ASP A 50 -0.68 -15.11 -7.51
C ASP A 50 -2.19 -15.16 -7.29
N PHE A 51 -2.73 -16.25 -6.72
CA PHE A 51 -4.19 -16.34 -6.56
C PHE A 51 -4.68 -15.30 -5.56
N VAL A 52 -3.84 -15.02 -4.56
CA VAL A 52 -4.14 -13.98 -3.57
C VAL A 52 -4.09 -12.59 -4.20
N LEU A 53 -3.03 -12.31 -4.97
CA LEU A 53 -2.91 -10.99 -5.61
C LEU A 53 -4.04 -10.83 -6.62
N GLN A 54 -4.35 -11.88 -7.37
CA GLN A 54 -5.43 -11.79 -8.36
C GLN A 54 -6.77 -11.43 -7.72
N ASP A 55 -7.04 -11.96 -6.54
CA ASP A 55 -8.30 -11.67 -5.85
C ASP A 55 -8.38 -10.21 -5.49
N THR A 56 -7.27 -9.64 -5.02
CA THR A 56 -7.26 -8.23 -4.69
C THR A 56 -7.45 -7.38 -5.95
N ILE A 57 -6.69 -7.66 -7.01
CA ILE A 57 -6.87 -6.98 -8.31
C ILE A 57 -8.33 -7.04 -8.77
N ASP A 58 -8.94 -8.22 -8.72
CA ASP A 58 -10.34 -8.36 -9.14
C ASP A 58 -11.31 -7.48 -8.34
N LEU A 59 -11.08 -7.37 -7.05
CA LEU A 59 -11.90 -6.57 -6.18
C LEU A 59 -11.83 -5.08 -6.53
N ILE A 60 -10.62 -4.57 -6.74
CA ILE A 60 -10.43 -3.17 -7.14
C ILE A 60 -10.91 -2.88 -8.58
N GLU A 61 -10.59 -3.78 -9.52
CA GLU A 61 -11.09 -3.67 -10.88
C GLU A 61 -12.62 -3.66 -10.91
N GLY A 62 -13.27 -4.47 -10.07
CA GLY A 62 -14.72 -4.48 -10.00
C GLY A 62 -15.34 -3.17 -9.57
N ALA A 63 -14.61 -2.41 -8.75
CA ALA A 63 -15.04 -1.10 -8.29
C ALA A 63 -14.77 -0.03 -9.34
N GLY A 64 -13.82 -0.30 -10.22
CA GLY A 64 -13.48 0.63 -11.27
C GLY A 64 -12.75 1.88 -10.82
N VAL A 65 -11.98 1.79 -9.73
CA VAL A 65 -11.26 2.94 -9.16
C VAL A 65 -9.73 2.84 -9.40
N CYS A 66 -9.06 3.98 -9.24
CA CYS A 66 -7.60 4.06 -9.28
C CYS A 66 -6.98 3.38 -8.06
N ALA A 67 -5.73 2.95 -8.21
CA ALA A 67 -5.00 2.36 -7.10
C ALA A 67 -3.51 2.31 -7.45
N THR A 68 -2.66 2.26 -6.44
CA THR A 68 -1.23 2.17 -6.63
C THR A 68 -0.74 0.88 -5.97
N TRP A 69 0.16 0.14 -6.64
CA TRP A 69 0.55 -1.21 -6.21
C TRP A 69 2.05 -1.23 -6.06
N PHE A 70 2.53 -1.61 -4.88
CA PHE A 70 3.98 -1.64 -4.67
C PHE A 70 4.51 -3.08 -4.79
N ALA A 71 5.28 -3.32 -5.85
CA ALA A 71 5.71 -4.69 -6.21
C ALA A 71 6.91 -5.18 -5.42
N THR A 72 6.83 -6.42 -4.97
CA THR A 72 7.90 -7.07 -4.23
C THR A 72 8.70 -8.04 -5.08
N HIS A 73 8.08 -8.59 -6.10
CA HIS A 73 8.67 -9.70 -6.81
C HIS A 73 8.10 -9.80 -8.20
N SER A 74 8.73 -10.62 -9.03
CA SER A 74 8.31 -10.73 -10.39
C SER A 74 7.14 -11.71 -10.48
N THR A 75 6.08 -11.31 -11.18
CA THR A 75 4.92 -12.15 -11.47
C THR A 75 4.22 -11.63 -12.71
N PRO A 76 3.65 -12.52 -13.53
CA PRO A 76 2.95 -12.01 -14.69
C PRO A 76 1.78 -11.07 -14.35
N LEU A 77 1.30 -11.08 -13.11
CA LEU A 77 0.21 -10.21 -12.72
C LEU A 77 0.62 -8.75 -12.69
N LEU A 78 1.91 -8.45 -12.62
CA LEU A 78 2.35 -7.07 -12.72
C LEU A 78 1.93 -6.47 -14.07
N GLU A 79 1.87 -7.30 -15.10
CA GLU A 79 1.44 -6.85 -16.42
C GLU A 79 -0.05 -6.44 -16.41
N ASN A 80 -0.88 -7.10 -15.61
CA ASN A 80 -2.28 -6.69 -15.43
C ASN A 80 -2.35 -5.27 -14.87
N ILE A 81 -1.51 -5.01 -13.88
CA ILE A 81 -1.44 -3.71 -13.22
C ILE A 81 -0.93 -2.65 -14.21
N ARG A 82 0.15 -2.95 -14.93
CA ARG A 82 0.63 -2.01 -15.94
C ARG A 82 -0.45 -1.64 -16.97
N ARG A 83 -1.12 -2.65 -17.53
CA ARG A 83 -2.16 -2.44 -18.54
C ARG A 83 -3.29 -1.54 -18.12
N ASN A 84 -3.73 -1.69 -16.89
CA ASN A 84 -4.87 -0.96 -16.43
C ASN A 84 -4.45 0.51 -16.26
N PRO A 85 -5.10 1.41 -17.02
CA PRO A 85 -4.71 2.81 -16.96
C PRO A 85 -5.06 3.48 -15.62
N LEU A 86 -5.90 2.84 -14.82
CA LEU A 86 -6.26 3.39 -13.52
C LEU A 86 -5.27 2.95 -12.43
N PHE A 87 -4.37 2.03 -12.77
CA PHE A 87 -3.43 1.49 -11.80
C PHE A 87 -2.02 1.97 -12.02
N GLU A 88 -1.34 2.32 -10.94
CA GLU A 88 0.06 2.69 -11.02
C GLU A 88 0.87 1.57 -10.36
N LEU A 89 1.98 1.19 -11.00
CA LEU A 89 2.88 0.20 -10.44
C LEU A 89 4.08 0.94 -9.85
N GLY A 90 4.36 0.67 -8.58
CA GLY A 90 5.54 1.19 -7.92
C GLY A 90 6.33 0.01 -7.35
N VAL A 91 7.35 0.31 -6.56
CA VAL A 91 8.24 -0.73 -6.00
C VAL A 91 8.21 -0.80 -4.48
N HIS A 92 8.45 -2.01 -3.98
CA HIS A 92 8.48 -2.32 -2.57
C HIS A 92 9.79 -3.05 -2.23
N PRO A 93 10.90 -2.31 -2.21
CA PRO A 93 12.21 -2.87 -1.94
C PRO A 93 12.30 -3.37 -0.49
N ASN A 94 13.05 -4.45 -0.29
CA ASN A 94 13.23 -5.04 1.03
C ASN A 94 14.64 -4.92 1.54
N PHE A 95 14.84 -3.95 2.44
CA PHE A 95 16.16 -3.70 3.00
C PHE A 95 16.35 -4.34 4.38
N ASN A 96 15.36 -5.11 4.84
CA ASN A 96 15.45 -5.77 6.16
C ASN A 96 16.69 -6.63 6.33
N PRO A 97 17.07 -7.40 5.31
CA PRO A 97 18.29 -8.21 5.50
C PRO A 97 19.53 -7.39 5.88
N LEU A 98 19.55 -6.11 5.53
CA LEU A 98 20.68 -5.27 5.86
C LEU A 98 20.70 -4.99 7.36
N LEU A 99 19.53 -4.97 7.96
CA LEU A 99 19.37 -4.64 9.37
C LEU A 99 19.45 -5.88 10.25
N ALA A 100 19.11 -7.02 9.64
CA ALA A 100 18.99 -8.30 10.34
C ALA A 100 20.29 -8.88 10.89
N GLY A 101 21.41 -8.56 10.27
CA GLY A 101 22.68 -9.08 10.70
C GLY A 101 23.65 -8.94 9.55
N ALA A 102 24.77 -9.66 9.59
CA ALA A 102 25.77 -9.52 8.55
C ALA A 102 25.16 -9.75 7.17
N HIS A 103 25.65 -9.01 6.18
N HIS A 103 25.70 -9.05 6.18
CA HIS A 103 25.12 -9.09 4.82
CA HIS A 103 25.16 -9.12 4.83
C HIS A 103 26.22 -8.68 3.83
C HIS A 103 26.22 -8.68 3.83
N ALA A 104 26.11 -9.17 2.60
CA ALA A 104 27.11 -8.91 1.56
C ALA A 104 26.88 -7.67 0.70
N GLU A 105 25.70 -7.07 0.83
CA GLU A 105 25.29 -5.95 -0.02
C GLU A 105 24.80 -4.80 0.80
N GLY A 106 24.57 -3.68 0.12
CA GLY A 106 23.92 -2.51 0.73
C GLY A 106 22.61 -2.20 0.03
N VAL A 107 22.11 -1.00 0.31
CA VAL A 107 20.86 -0.53 -0.27
C VAL A 107 20.89 -0.53 -1.80
N GLN A 108 21.97 -0.05 -2.39
CA GLN A 108 22.05 0.15 -3.83
C GLN A 108 21.72 -1.10 -4.64
N GLU A 109 22.35 -2.21 -4.29
CA GLU A 109 22.14 -3.46 -5.01
C GLU A 109 20.69 -3.89 -4.92
N ILE A 110 20.12 -3.81 -3.71
CA ILE A 110 18.73 -4.23 -3.49
C ILE A 110 17.73 -3.34 -4.25
N LEU A 111 17.96 -2.04 -4.18
CA LEU A 111 17.10 -1.05 -4.84
C LEU A 111 17.15 -1.23 -6.34
N ASP A 112 18.35 -1.37 -6.89
CA ASP A 112 18.48 -1.53 -8.33
C ASP A 112 17.81 -2.82 -8.81
N ARG A 113 17.95 -3.90 -8.05
CA ARG A 113 17.27 -5.13 -8.41
C ARG A 113 15.77 -4.98 -8.39
N THR A 114 15.25 -4.32 -7.36
CA THR A 114 13.80 -4.12 -7.23
C THR A 114 13.24 -3.25 -8.37
N LEU A 115 14.01 -2.24 -8.76
CA LEU A 115 13.58 -1.33 -9.83
C LEU A 115 13.44 -2.05 -11.17
N GLU A 116 14.12 -3.19 -11.33
CA GLU A 116 13.99 -3.95 -12.55
C GLU A 116 12.55 -4.44 -12.72
N LEU A 117 11.79 -4.51 -11.63
CA LEU A 117 10.40 -4.93 -11.69
C LEU A 117 9.46 -3.88 -12.30
N ALA A 118 9.84 -2.62 -12.29
CA ALA A 118 8.98 -1.56 -12.83
C ALA A 118 9.83 -0.43 -13.36
N PRO A 119 10.54 -0.65 -14.48
CA PRO A 119 11.41 0.43 -14.94
C PRO A 119 10.63 1.71 -15.21
N GLY A 120 11.21 2.83 -14.82
CA GLY A 120 10.58 4.12 -15.01
C GLY A 120 9.53 4.49 -13.96
N CYS A 121 9.26 3.61 -13.00
CA CYS A 121 8.29 3.95 -12.01
C CYS A 121 8.75 5.16 -11.21
N VAL A 122 7.79 5.77 -10.51
CA VAL A 122 8.01 7.01 -9.77
C VAL A 122 7.67 6.93 -8.30
N SER A 123 7.00 5.87 -7.88
CA SER A 123 6.53 5.76 -6.49
C SER A 123 7.15 4.57 -5.75
N VAL A 124 7.48 4.77 -4.48
CA VAL A 124 8.10 3.74 -3.68
C VAL A 124 7.63 3.75 -2.24
N ARG A 125 7.46 2.56 -1.68
CA ARG A 125 7.29 2.38 -0.25
C ARG A 125 8.18 1.22 0.11
N SER A 126 8.97 1.39 1.17
CA SER A 126 9.90 0.34 1.61
C SER A 126 9.21 -0.71 2.45
N HIS A 127 9.57 -1.98 2.22
CA HIS A 127 9.09 -3.04 3.08
C HIS A 127 9.57 -2.71 4.48
N SER A 128 8.67 -2.84 5.45
CA SER A 128 8.94 -2.49 6.86
C SER A 128 9.31 -1.01 7.08
N LEU A 129 9.02 -0.19 6.08
CA LEU A 129 9.21 1.27 6.17
C LEU A 129 10.64 1.61 6.49
N VAL A 130 11.56 0.82 5.92
CA VAL A 130 12.97 1.10 6.08
C VAL A 130 13.31 2.37 5.28
N GLN A 131 13.86 3.36 5.95
CA GLN A 131 14.16 4.65 5.32
C GLN A 131 15.32 5.31 6.04
N ALA A 132 15.95 6.27 5.35
CA ALA A 132 17.09 7.00 5.86
C ALA A 132 17.32 8.12 4.85
N THR A 133 18.03 9.14 5.27
CA THR A 133 18.41 10.19 4.35
C THR A 133 19.14 9.64 3.11
N SER A 134 20.09 8.71 3.27
CA SER A 134 20.80 8.21 2.10
C SER A 134 19.88 7.38 1.20
N ILE A 135 18.95 6.66 1.83
CA ILE A 135 17.98 5.86 1.06
C ILE A 135 17.14 6.80 0.18
N LEU A 136 16.60 7.86 0.76
CA LEU A 136 15.82 8.83 -0.03
C LEU A 136 16.70 9.49 -1.10
N ASN A 137 17.96 9.76 -0.79
CA ASN A 137 18.89 10.32 -1.80
C ASN A 137 19.02 9.35 -2.99
N PHE A 139 16.88 6.96 -3.81
CA PHE A 139 15.60 6.88 -4.51
C PHE A 139 15.57 7.97 -5.57
N GLY A 140 15.92 9.19 -5.15
CA GLY A 140 15.91 10.37 -6.03
C GLY A 140 16.86 10.29 -7.21
N GLU A 141 18.07 9.81 -6.97
CA GLU A 141 19.02 9.59 -8.05
C GLU A 141 18.44 8.62 -9.08
N ARG A 142 17.67 7.63 -8.66
CA ARG A 142 17.06 6.66 -9.59
C ARG A 142 15.72 7.14 -10.16
N ARG A 143 15.44 8.42 -9.99
CA ARG A 143 14.28 9.05 -10.58
C ARG A 143 12.94 8.66 -10.00
N LEU A 144 12.94 8.16 -8.76
CA LEU A 144 11.71 8.01 -8.01
C LEU A 144 11.30 9.40 -7.55
N ARG A 145 10.01 9.71 -7.56
CA ARG A 145 9.53 11.03 -7.18
C ARG A 145 8.66 11.02 -5.96
N TYR A 146 8.00 9.92 -5.66
CA TYR A 146 7.11 9.91 -4.52
C TYR A 146 7.55 8.89 -3.46
N ASP A 147 7.90 9.38 -2.28
CA ASP A 147 8.20 8.51 -1.15
C ASP A 147 6.95 8.32 -0.29
N CYS A 148 6.59 7.07 -0.02
CA CYS A 148 5.37 6.72 0.71
C CYS A 148 5.69 6.01 2.02
N ASN A 149 6.79 6.39 2.66
CA ASN A 149 7.31 5.70 3.85
C ASN A 149 6.94 6.25 5.24
N ILE A 150 6.31 7.42 5.28
CA ILE A 150 5.89 8.04 6.56
C ILE A 150 4.44 7.66 6.88
N LEU A 151 4.24 7.00 8.03
CA LEU A 151 2.93 6.64 8.48
C LEU A 151 2.59 7.51 9.68
N VAL A 152 1.63 8.42 9.51
CA VAL A 152 1.12 9.19 10.63
C VAL A 152 -0.32 8.72 10.85
N PRO A 153 -0.60 8.09 11.98
CA PRO A 153 -1.94 7.53 12.19
C PRO A 153 -3.07 8.53 12.08
N TRP A 154 -4.16 8.10 11.47
CA TRP A 154 -5.36 8.91 11.32
C TRP A 154 -5.89 9.50 12.63
N ASP A 155 -5.56 8.86 13.76
CA ASP A 155 -6.07 9.28 15.05
C ASP A 155 -5.05 10.07 15.86
N ALA A 156 -3.95 10.47 15.24
CA ALA A 156 -2.93 11.28 15.92
C ALA A 156 -3.33 12.76 16.11
N GLY A 157 -4.41 13.19 15.45
CA GLY A 157 -4.90 14.56 15.55
C GLY A 157 -4.22 15.50 14.58
N ILE A 158 -3.62 14.94 13.55
CA ILE A 158 -2.82 15.66 12.57
C ILE A 158 -3.48 15.57 11.20
N VAL A 159 -3.77 16.73 10.63
CA VAL A 159 -4.28 16.81 9.25
C VAL A 159 -3.08 16.77 8.35
N LEU A 160 -3.10 15.80 7.45
CA LEU A 160 -1.94 15.49 6.62
C LEU A 160 -1.97 16.09 5.25
N GLN A 161 -0.78 16.40 4.75
N GLN A 161 -0.79 16.48 4.77
CA GLN A 161 -0.55 17.00 3.43
CA GLN A 161 -0.54 16.92 3.39
C GLN A 161 0.81 16.44 2.93
C GLN A 161 0.75 16.27 2.93
N PRO A 162 0.95 16.18 1.62
CA PRO A 162 2.26 15.77 1.13
C PRO A 162 3.16 17.02 1.16
N TRP A 163 4.48 16.84 1.12
CA TRP A 163 5.41 17.95 1.16
C TRP A 163 6.64 17.66 0.30
N ARG A 164 7.37 18.73 -0.05
CA ARG A 164 8.57 18.59 -0.84
C ARG A 164 9.73 18.11 0.03
N HIS A 165 10.43 17.09 -0.44
CA HIS A 165 11.66 16.65 0.23
C HIS A 165 12.80 17.60 -0.18
N TRP A 166 13.87 17.65 0.60
CA TRP A 166 14.98 18.56 0.32
C TRP A 166 15.92 18.13 -0.82
N THR A 167 15.76 16.92 -1.35
CA THR A 167 16.55 16.46 -2.49
C THR A 167 15.72 15.67 -3.47
N GLY A 168 16.23 15.60 -4.71
CA GLY A 168 15.62 14.80 -5.80
C GLY A 168 14.30 15.32 -6.37
N ASP A 169 13.90 16.57 -6.07
CA ASP A 169 12.52 17.00 -6.39
C ASP A 169 11.48 15.94 -5.90
N VAL A 171 8.70 14.10 -3.46
CA VAL A 171 7.58 14.50 -2.65
C VAL A 171 7.37 13.40 -1.61
N ARG A 172 7.27 13.76 -0.34
CA ARG A 172 6.95 12.79 0.69
C ARG A 172 5.44 12.78 0.86
N VAL A 173 4.88 11.57 0.80
CA VAL A 173 3.46 11.36 0.90
C VAL A 173 3.14 10.54 2.17
N PRO A 174 2.57 11.18 3.22
CA PRO A 174 2.32 10.41 4.44
C PRO A 174 1.01 9.63 4.32
N TYR A 175 0.93 8.49 5.00
CA TYR A 175 -0.28 7.68 4.98
C TYR A 175 -0.78 7.41 6.37
N LEU A 176 -2.09 7.20 6.45
CA LEU A 176 -2.77 7.30 7.75
C LEU A 176 -3.51 6.04 8.26
N TRP A 177 -3.54 5.00 7.45
CA TRP A 177 -4.23 3.75 7.79
C TRP A 177 -3.59 2.59 7.07
N GLU A 178 -3.47 1.46 7.77
CA GLU A 178 -2.89 0.23 7.22
C GLU A 178 -3.58 -0.94 7.92
N ASP A 179 -3.85 -1.98 7.16
CA ASP A 179 -4.60 -3.13 7.68
C ASP A 179 -3.97 -3.83 8.86
N ASP A 180 -2.71 -4.24 8.73
CA ASP A 180 -2.06 -4.89 9.86
C ASP A 180 -1.83 -3.94 11.04
N VAL A 181 -1.59 -2.67 10.74
CA VAL A 181 -1.48 -1.63 11.80
C VAL A 181 -2.81 -1.40 12.54
N ALA A 182 -3.93 -1.54 11.81
CA ALA A 182 -5.22 -1.41 12.42
C ALA A 182 -5.39 -2.52 13.45
N CYS A 183 -4.93 -3.73 13.11
CA CYS A 183 -4.96 -4.81 14.10
C CYS A 183 -4.11 -4.44 15.33
N LEU A 184 -2.90 -3.97 15.11
CA LEU A 184 -2.01 -3.66 16.25
C LEU A 184 -2.54 -2.53 17.14
N TYR A 185 -3.18 -1.52 16.55
CA TYR A 185 -3.77 -0.43 17.33
C TYR A 185 -5.23 -0.71 17.79
N ASP A 186 -5.80 -1.84 17.40
CA ASP A 186 -7.19 -2.16 17.69
C ASP A 186 -8.18 -1.13 17.10
N TRP A 187 -7.90 -0.64 15.90
CA TRP A 187 -8.85 0.18 15.16
C TRP A 187 -9.98 -0.70 14.64
N GLU A 188 -11.15 -0.10 14.42
CA GLU A 188 -12.36 -0.83 14.02
C GLU A 188 -12.42 -1.14 12.54
N PHE A 189 -12.88 -2.34 12.21
CA PHE A 189 -13.09 -2.77 10.83
C PHE A 189 -14.54 -2.65 10.43
N ASP A 190 -15.43 -2.43 11.41
CA ASP A 190 -16.88 -2.41 11.20
C ASP A 190 -17.59 -1.12 11.60
N SER A 191 -16.91 0.00 11.46
CA SER A 191 -17.54 1.30 11.67
C SER A 191 -18.51 1.59 10.52
N THR A 192 -19.55 2.36 10.81
CA THR A 192 -20.51 2.77 9.77
C THR A 192 -20.09 4.05 9.02
N PHE A 193 -18.94 4.61 9.35
CA PHE A 193 -18.46 5.79 8.66
C PHE A 193 -16.94 5.77 8.57
N ASP A 194 -16.41 6.60 7.68
CA ASP A 194 -15.00 6.63 7.42
C ASP A 194 -14.31 7.48 8.48
N TYR A 195 -14.07 6.87 9.62
CA TYR A 195 -13.52 7.57 10.80
C TYR A 195 -12.18 8.25 10.56
N TRP A 196 -11.41 7.71 9.63
CA TRP A 196 -10.07 8.16 9.32
C TRP A 196 -10.02 9.33 8.33
N TYR A 197 -11.16 9.61 7.69
CA TYR A 197 -11.23 10.53 6.56
C TYR A 197 -10.97 11.99 6.91
N GLN A 198 -10.09 12.62 6.14
CA GLN A 198 -9.79 14.02 6.24
C GLN A 198 -10.29 14.74 4.97
N PRO A 199 -11.38 15.48 5.07
CA PRO A 199 -11.83 16.22 3.87
C PRO A 199 -10.83 17.27 3.51
N ASP A 200 -10.00 17.65 4.49
CA ASP A 200 -9.03 18.73 4.38
C ASP A 200 -7.56 18.26 4.30
N GLY A 201 -7.36 16.98 4.12
CA GLY A 201 -6.00 16.44 4.03
C GLY A 201 -5.93 15.36 2.99
N ILE A 202 -4.75 14.75 2.87
CA ILE A 202 -4.55 13.63 1.99
C ILE A 202 -4.85 12.33 2.72
N ASN A 203 -5.54 11.39 2.05
CA ASN A 203 -5.96 10.12 2.66
C ASN A 203 -5.38 8.90 1.96
N VAL A 204 -4.22 8.44 2.42
CA VAL A 204 -3.56 7.30 1.82
C VAL A 204 -3.75 6.11 2.76
N LEU A 205 -4.24 5.00 2.20
CA LEU A 205 -4.45 3.77 2.98
C LEU A 205 -3.60 2.68 2.36
N ASP A 206 -3.09 1.79 3.19
CA ASP A 206 -2.25 0.68 2.77
C ASP A 206 -2.88 -0.67 3.12
N PHE A 207 -3.14 -1.47 2.09
CA PHE A 207 -3.68 -2.84 2.26
C PHE A 207 -2.70 -3.88 1.73
N HIS A 208 -2.73 -5.06 2.32
CA HIS A 208 -1.98 -6.22 1.83
C HIS A 208 -2.97 -7.24 1.26
N PRO A 209 -2.68 -7.74 0.05
CA PRO A 209 -3.48 -8.78 -0.59
C PRO A 209 -3.81 -9.94 0.34
N ILE A 210 -2.83 -10.40 1.12
CA ILE A 210 -3.05 -11.51 2.06
C ILE A 210 -4.15 -11.16 3.06
N HIS A 211 -4.18 -9.94 3.55
CA HIS A 211 -5.22 -9.60 4.53
C HIS A 211 -6.56 -9.35 3.88
N VAL A 212 -6.55 -8.83 2.66
CA VAL A 212 -7.81 -8.68 1.92
C VAL A 212 -8.36 -10.09 1.64
N TYR A 213 -7.51 -11.00 1.21
CA TYR A 213 -7.96 -12.36 0.93
C TYR A 213 -8.57 -13.07 2.15
N ASN A 215 -9.56 -11.54 4.94
CA ASN A 215 -10.43 -10.63 5.69
C ASN A 215 -9.95 -10.52 7.12
N THR A 216 -8.64 -10.35 7.24
CA THR A 216 -7.98 -10.34 8.54
C THR A 216 -8.54 -9.27 9.50
N GLU A 217 -8.91 -9.75 10.68
CA GLU A 217 -9.28 -8.89 11.81
C GLU A 217 -8.31 -9.02 13.00
N SER A 218 -7.46 -10.05 12.99
N SER A 218 -7.44 -10.03 12.97
CA SER A 218 -6.45 -10.27 14.03
CA SER A 218 -6.44 -10.22 14.02
C SER A 218 -5.24 -10.89 13.36
C SER A 218 -5.25 -10.92 13.40
N LEU A 219 -4.05 -10.44 13.73
CA LEU A 219 -2.84 -10.99 13.19
C LEU A 219 -2.60 -12.43 13.63
N ARG A 220 -3.33 -12.88 14.65
CA ARG A 220 -3.21 -14.25 15.06
C ARG A 220 -3.79 -15.18 13.98
N ARG A 221 -4.83 -14.75 13.26
CA ARG A 221 -5.38 -15.53 12.15
C ARG A 221 -4.29 -15.69 11.09
N TYR A 222 -3.60 -14.59 10.81
CA TYR A 222 -2.52 -14.57 9.86
C TYR A 222 -1.40 -15.52 10.27
N GLU A 223 -1.00 -15.44 11.54
CA GLU A 223 0.06 -16.31 12.03
C GLU A 223 -0.36 -17.79 12.10
N ASP A 224 -1.59 -18.07 12.52
CA ASP A 224 -2.08 -19.44 12.60
C ASP A 224 -2.17 -20.13 11.24
N SER A 225 -2.40 -19.37 10.19
CA SER A 225 -2.62 -19.89 8.86
C SER A 225 -1.36 -19.90 7.98
N ARG A 226 -0.19 -19.61 8.58
CA ARG A 226 1.05 -19.40 7.83
C ARG A 226 1.36 -20.48 6.81
N GLU A 227 1.16 -21.72 7.19
CA GLU A 227 1.47 -22.81 6.29
C GLU A 227 0.54 -22.94 5.09
N VAL A 228 -0.53 -22.15 5.07
N VAL A 228 -0.58 -22.21 5.06
CA VAL A 228 -1.56 -22.25 4.05
CA VAL A 228 -1.50 -22.32 3.92
C VAL A 228 -1.59 -21.05 3.12
C VAL A 228 -1.60 -21.04 3.10
N HIS A 229 -0.76 -20.04 3.39
CA HIS A 229 -0.81 -18.76 2.64
C HIS A 229 -0.59 -18.86 1.15
N ARG A 230 -0.02 -19.97 0.70
CA ARG A 230 0.17 -20.17 -0.72
C ARG A 230 -0.62 -21.38 -1.24
N ASN A 231 -1.61 -21.83 -0.46
CA ASN A 231 -2.42 -23.01 -0.81
C ASN A 231 -3.79 -22.55 -1.34
N PRO A 232 -3.97 -22.58 -2.66
CA PRO A 232 -5.20 -22.09 -3.26
C PRO A 232 -6.46 -22.86 -2.97
N VAL A 233 -6.33 -24.06 -2.41
CA VAL A 233 -7.46 -24.88 -2.03
C VAL A 233 -7.88 -24.62 -0.61
N ASP A 234 -6.92 -24.57 0.31
CA ASP A 234 -7.24 -24.45 1.72
C ASP A 234 -7.37 -23.00 2.25
N LEU A 235 -6.67 -22.05 1.63
CA LEU A 235 -6.63 -20.71 2.24
C LEU A 235 -7.99 -20.07 2.40
N ILE A 236 -8.89 -20.30 1.45
CA ILE A 236 -10.21 -19.69 1.49
C ILE A 236 -11.00 -20.09 2.77
N ARG A 237 -10.68 -21.28 3.31
CA ARG A 237 -11.34 -21.79 4.52
C ARG A 237 -10.99 -20.92 5.75
N TRP A 238 -9.88 -20.22 5.69
CA TRP A 238 -9.45 -19.32 6.76
C TRP A 238 -9.99 -17.90 6.65
N ARG A 239 -10.81 -17.61 5.65
CA ARG A 239 -11.39 -16.25 5.54
C ARG A 239 -12.36 -15.94 6.69
N ASN A 240 -12.09 -14.87 7.40
CA ASN A 240 -12.93 -14.37 8.48
C ASN A 240 -14.28 -14.01 7.94
N THR A 241 -15.34 -14.49 8.59
CA THR A 241 -16.70 -14.20 8.16
C THR A 241 -17.31 -12.99 8.90
N SER A 242 -16.63 -12.48 9.91
N SER A 242 -16.64 -12.49 9.92
CA SER A 242 -17.06 -11.23 10.57
CA SER A 242 -17.07 -11.24 10.56
C SER A 242 -16.47 -10.05 9.82
C SER A 242 -16.32 -10.09 9.90
N ALA A 243 -16.39 -8.89 10.48
CA ALA A 243 -15.77 -7.71 9.90
C ALA A 243 -14.25 -7.88 9.92
N GLY A 244 -13.59 -7.42 8.86
CA GLY A 244 -12.14 -7.42 8.83
C GLY A 244 -11.66 -6.51 7.72
N SER A 245 -10.42 -6.72 7.30
CA SER A 245 -9.76 -5.90 6.27
C SER A 245 -10.50 -5.89 4.95
N ARG A 246 -11.06 -7.03 4.56
CA ARG A 246 -11.78 -7.15 3.30
C ARG A 246 -13.11 -6.40 3.35
N THR A 247 -13.88 -6.61 4.40
CA THR A 247 -15.17 -5.94 4.50
C THR A 247 -14.98 -4.42 4.69
N PHE A 248 -13.91 -4.01 5.36
CA PHE A 248 -13.60 -2.58 5.50
C PHE A 248 -13.36 -1.99 4.11
N LEU A 249 -12.55 -2.67 3.30
CA LEU A 249 -12.25 -2.19 1.95
C LEU A 249 -13.49 -2.20 1.10
N GLN A 250 -14.27 -3.27 1.18
CA GLN A 250 -15.51 -3.33 0.40
C GLN A 250 -16.49 -2.19 0.75
N SER A 251 -16.64 -1.89 2.05
CA SER A 251 -17.52 -0.78 2.47
C SER A 251 -17.02 0.58 2.03
N LEU A 252 -15.72 0.75 2.13
CA LEU A 252 -15.10 2.02 1.74
C LEU A 252 -15.33 2.27 0.27
N LEU A 253 -15.18 1.22 -0.54
CA LEU A 253 -15.43 1.31 -1.99
C LEU A 253 -16.91 1.61 -2.26
N ALA A 254 -17.81 0.86 -1.62
CA ALA A 254 -19.25 1.04 -1.83
C ALA A 254 -19.71 2.44 -1.45
N ARG A 255 -19.23 2.96 -0.34
CA ARG A 255 -19.60 4.29 0.09
C ARG A 255 -19.04 5.40 -0.76
N ASN A 256 -17.96 5.17 -1.49
CA ASN A 256 -17.24 6.27 -2.14
C ASN A 256 -17.22 6.25 -3.67
N ILE A 257 -17.80 5.24 -4.29
CA ILE A 257 -17.83 5.24 -5.75
C ILE A 257 -19.12 5.91 -6.16
#